data_8C8B
#
_entry.id   8C8B
#
_cell.length_a   51.690
_cell.length_b   57.250
_cell.length_c   113.520
_cell.angle_alpha   90.000
_cell.angle_beta   90.000
_cell.angle_gamma   90.000
#
_symmetry.space_group_name_H-M   'P 21 21 21'
#
loop_
_entity.id
_entity.type
_entity.pdbx_description
1 polymer 'DNA cross-link repair 1A protein'
2 non-polymer 4-[[(2~{S})-1-(oxidanylamino)-1-oxidanylidene-propan-2-yl]amino]-~{N}-prop-2-enyl-quinazoline-2-carboxamide
3 non-polymer 'ZINC ION'
4 water water
#
_entity_poly.entity_id   1
_entity_poly.type   'polypeptide(L)'
_entity_poly.pdbx_seq_one_letter_code
;KKTCPFYKKIPGTGFTVDAFQYGVVEGCTAYFLTHFHSDHYAGLSKHFTFPVYCSEITGNLLKNKLHVQEQYIHPLPLDT
ECIVNGVKVVLLDANHCPGAVMILFYLPNGTVILHTGDFRADPSMERSLLADQKVHMLYLDTTYCSPEYTFPSQQEVIRF
AINTAFEAVTLNPHALVVCGTYSIGKEKVFLAIADVLGSKVGMSQEKYKTLQCLNIPEINSLITTDMCSSLVHLLPMMQI
NFKGLQSHLKKCGGKYNQILAFRPTGWTHSNKFTRIADVIPQTKGNISIYGIPYSEHSSYLEMKRFVQWLKPQKIIPTVN
VGTWKSRSTMEKYFREWKLEAGY
;
_entity_poly.pdbx_strand_id   A
#
# COMPACT_ATOMS: atom_id res chain seq x y z
N THR A 3 -5.83 -3.71 24.63
CA THR A 3 -7.14 -3.98 24.04
C THR A 3 -7.29 -3.25 22.70
N CYS A 4 -8.47 -3.33 22.11
CA CYS A 4 -8.70 -2.70 20.81
C CYS A 4 -8.79 -1.19 20.98
N PRO A 5 -8.01 -0.41 20.23
CA PRO A 5 -8.04 1.05 20.38
C PRO A 5 -9.33 1.64 19.82
N PHE A 6 -9.67 2.83 20.32
CA PHE A 6 -10.93 3.46 19.96
C PHE A 6 -10.99 3.82 18.48
N TYR A 7 -9.86 4.19 17.87
CA TYR A 7 -9.87 4.58 16.47
C TYR A 7 -10.06 3.41 15.53
N LYS A 8 -10.22 2.19 16.04
CA LYS A 8 -10.54 1.02 15.24
C LYS A 8 -11.98 0.58 15.38
N LYS A 9 -12.77 1.27 16.19
CA LYS A 9 -14.19 0.96 16.36
C LYS A 9 -15.01 2.04 15.67
N ILE A 10 -16.12 1.63 15.06
CA ILE A 10 -17.03 2.55 14.38
C ILE A 10 -18.21 2.79 15.32
N PRO A 11 -18.33 3.97 15.93
CA PRO A 11 -19.38 4.19 16.93
C PRO A 11 -20.77 4.06 16.34
N GLY A 12 -21.71 3.60 17.16
CA GLY A 12 -23.06 3.36 16.71
C GLY A 12 -23.23 2.15 15.83
N THR A 13 -22.21 1.30 15.72
CA THR A 13 -22.27 0.09 14.92
C THR A 13 -21.60 -1.05 15.69
N GLY A 14 -21.72 -2.25 15.16
CA GLY A 14 -20.98 -3.37 15.69
C GLY A 14 -19.75 -3.66 14.86
N PHE A 15 -19.20 -2.63 14.23
CA PHE A 15 -18.12 -2.78 13.26
C PHE A 15 -16.78 -2.39 13.85
N THR A 16 -15.74 -3.14 13.49
CA THR A 16 -14.36 -2.72 13.69
C THR A 16 -13.65 -2.71 12.35
N VAL A 17 -12.55 -1.99 12.30
CA VAL A 17 -11.73 -1.86 11.11
C VAL A 17 -10.31 -2.26 11.47
N ASP A 18 -9.78 -3.28 10.80
CA ASP A 18 -8.38 -3.70 10.93
C ASP A 18 -8.05 -4.05 12.38
N ALA A 19 -8.93 -4.83 13.00
CA ALA A 19 -8.88 -5.10 14.45
C ALA A 19 -8.92 -6.60 14.68
N PHE A 20 -7.84 -7.29 14.31
CA PHE A 20 -7.81 -8.75 14.34
C PHE A 20 -6.85 -9.32 15.37
N GLN A 21 -6.13 -8.47 16.11
CA GLN A 21 -5.11 -8.92 17.06
C GLN A 21 -5.55 -8.72 18.50
N TYR A 22 -6.84 -8.47 18.73
CA TYR A 22 -7.36 -8.21 20.07
C TYR A 22 -8.32 -9.29 20.54
N GLY A 23 -8.23 -10.49 19.95
CA GLY A 23 -9.16 -11.54 20.31
C GLY A 23 -10.57 -11.22 19.82
N VAL A 24 -11.55 -11.73 20.54
CA VAL A 24 -12.95 -11.42 20.24
C VAL A 24 -13.25 -10.02 20.78
N VAL A 25 -13.53 -9.09 19.87
CA VAL A 25 -13.89 -7.74 20.26
C VAL A 25 -15.34 -7.74 20.74
N GLU A 26 -15.56 -7.25 21.96
CA GLU A 26 -16.88 -7.33 22.58
C GLU A 26 -17.91 -6.55 21.76
N GLY A 27 -18.91 -7.27 21.28
CA GLY A 27 -20.00 -6.66 20.53
C GLY A 27 -19.74 -6.43 19.06
N CYS A 28 -18.61 -6.91 18.53
CA CYS A 28 -18.31 -6.74 17.11
C CYS A 28 -18.98 -7.86 16.33
N THR A 29 -19.88 -7.48 15.42
CA THR A 29 -20.61 -8.42 14.57
C THR A 29 -20.00 -8.56 13.18
N ALA A 30 -19.12 -7.65 12.80
CA ALA A 30 -18.48 -7.71 11.49
C ALA A 30 -17.13 -7.03 11.60
N TYR A 31 -16.09 -7.70 11.11
CA TYR A 31 -14.73 -7.20 11.13
C TYR A 31 -14.36 -6.78 9.71
N PHE A 32 -14.11 -5.49 9.51
CA PHE A 32 -13.67 -5.03 8.21
C PHE A 32 -12.15 -5.06 8.12
N LEU A 33 -11.63 -5.45 6.96
CA LEU A 33 -10.20 -5.45 6.69
C LEU A 33 -9.96 -4.56 5.47
N THR A 34 -9.29 -3.43 5.68
CA THR A 34 -9.10 -2.46 4.59
C THR A 34 -8.16 -3.00 3.50
N HIS A 35 -7.13 -3.78 3.87
CA HIS A 35 -6.18 -4.27 2.88
C HIS A 35 -5.27 -5.32 3.52
N PHE A 36 -4.57 -6.07 2.66
CA PHE A 36 -3.79 -7.23 3.08
C PHE A 36 -2.34 -6.83 3.35
N HIS A 37 -2.17 -6.04 4.42
CA HIS A 37 -0.85 -5.73 4.96
C HIS A 37 -0.82 -6.19 6.41
N SER A 38 0.31 -6.79 6.81
CA SER A 38 0.37 -7.53 8.06
C SER A 38 0.00 -6.69 9.28
N ASP A 39 0.37 -5.41 9.28
CA ASP A 39 -0.02 -4.55 10.41
C ASP A 39 -1.52 -4.34 10.51
N HIS A 40 -2.29 -4.75 9.51
CA HIS A 40 -3.75 -4.63 9.53
C HIS A 40 -4.48 -5.95 9.69
N TYR A 41 -3.97 -7.03 9.10
CA TYR A 41 -4.63 -8.32 9.26
C TYR A 41 -4.12 -9.11 10.45
N ALA A 42 -3.12 -8.59 11.17
CA ALA A 42 -2.49 -9.28 12.28
C ALA A 42 -3.51 -9.92 13.20
N GLY A 43 -3.44 -11.26 13.33
CA GLY A 43 -4.36 -12.04 14.11
C GLY A 43 -5.24 -12.96 13.29
N LEU A 44 -5.53 -12.58 12.05
CA LEU A 44 -6.36 -13.43 11.19
C LEU A 44 -5.64 -14.73 10.86
N SER A 45 -6.39 -15.83 10.88
CA SER A 45 -5.85 -17.15 10.60
C SER A 45 -6.99 -18.07 10.21
N LYS A 46 -6.66 -19.32 9.89
CA LYS A 46 -7.64 -20.34 9.58
C LYS A 46 -8.62 -20.59 10.72
N HIS A 47 -8.32 -20.11 11.93
CA HIS A 47 -9.15 -20.36 13.10
C HIS A 47 -10.15 -19.24 13.37
N PHE A 48 -10.16 -18.18 12.57
CA PHE A 48 -11.10 -17.08 12.76
C PHE A 48 -12.49 -17.50 12.34
N THR A 49 -13.50 -17.16 13.17
CA THR A 49 -14.86 -17.62 12.96
C THR A 49 -15.88 -16.49 13.02
N PHE A 50 -15.50 -15.29 12.61
CA PHE A 50 -16.42 -14.17 12.50
C PHE A 50 -16.41 -13.64 11.06
N PRO A 51 -17.47 -12.96 10.64
CA PRO A 51 -17.51 -12.41 9.28
C PRO A 51 -16.41 -11.38 9.06
N VAL A 52 -15.71 -11.52 7.93
CA VAL A 52 -14.71 -10.54 7.50
C VAL A 52 -15.20 -9.91 6.20
N TYR A 53 -15.32 -8.58 6.20
CA TYR A 53 -15.74 -7.83 5.04
C TYR A 53 -14.54 -7.12 4.44
N CYS A 54 -14.40 -7.21 3.12
CA CYS A 54 -13.18 -6.76 2.44
C CYS A 54 -13.42 -6.71 0.94
N SER A 55 -12.41 -6.26 0.20
CA SER A 55 -12.48 -6.31 -1.26
C SER A 55 -12.28 -7.74 -1.76
N GLU A 56 -12.57 -7.96 -3.04
CA GLU A 56 -12.38 -9.28 -3.63
C GLU A 56 -10.92 -9.71 -3.56
N ILE A 57 -9.99 -8.81 -3.89
CA ILE A 57 -8.58 -9.15 -3.89
C ILE A 57 -8.11 -9.49 -2.47
N THR A 58 -8.48 -8.67 -1.49
CA THR A 58 -8.15 -9.00 -0.12
C THR A 58 -8.71 -10.37 0.24
N GLY A 59 -9.93 -10.65 -0.22
CA GLY A 59 -10.55 -11.94 0.07
C GLY A 59 -9.79 -13.09 -0.55
N ASN A 60 -9.29 -12.92 -1.78
CA ASN A 60 -8.45 -13.94 -2.40
C ASN A 60 -7.24 -14.24 -1.53
N LEU A 61 -6.61 -13.18 -0.97
CA LEU A 61 -5.41 -13.39 -0.17
C LEU A 61 -5.74 -14.03 1.17
N LEU A 62 -6.86 -13.63 1.79
CA LEU A 62 -7.28 -14.28 3.02
C LEU A 62 -7.46 -15.78 2.80
N LYS A 63 -8.09 -16.16 1.69
CA LYS A 63 -8.35 -17.57 1.43
C LYS A 63 -7.07 -18.33 1.14
N ASN A 64 -6.22 -17.79 0.25
CA ASN A 64 -5.09 -18.56 -0.25
C ASN A 64 -3.85 -18.46 0.64
N LYS A 65 -3.60 -17.28 1.23
CA LYS A 65 -2.38 -17.07 2.02
C LYS A 65 -2.57 -17.31 3.51
N LEU A 66 -3.70 -16.88 4.10
CA LEU A 66 -3.95 -17.11 5.53
C LEU A 66 -4.86 -18.30 5.78
N HIS A 67 -5.47 -18.84 4.72
N HIS A 67 -5.45 -18.88 4.73
CA HIS A 67 -6.34 -20.01 4.79
CA HIS A 67 -6.30 -20.05 4.85
C HIS A 67 -7.55 -19.76 5.68
C HIS A 67 -7.57 -19.77 5.67
N VAL A 68 -8.06 -18.53 5.64
CA VAL A 68 -9.32 -18.23 6.31
C VAL A 68 -10.43 -19.00 5.62
N GLN A 69 -11.35 -19.55 6.42
CA GLN A 69 -12.42 -20.35 5.86
C GLN A 69 -13.34 -19.50 4.99
N GLU A 70 -13.74 -20.08 3.85
CA GLU A 70 -14.52 -19.34 2.86
C GLU A 70 -15.81 -18.79 3.46
N GLN A 71 -16.44 -19.55 4.36
CA GLN A 71 -17.74 -19.14 4.91
C GLN A 71 -17.66 -17.83 5.68
N TYR A 72 -16.46 -17.39 6.07
CA TYR A 72 -16.29 -16.17 6.82
C TYR A 72 -15.79 -15.01 5.97
N ILE A 73 -15.49 -15.24 4.70
CA ILE A 73 -15.00 -14.18 3.81
C ILE A 73 -16.17 -13.60 3.05
N HIS A 74 -16.40 -12.29 3.23
CA HIS A 74 -17.47 -11.56 2.54
C HIS A 74 -16.83 -10.49 1.68
N PRO A 75 -16.48 -10.80 0.44
CA PRO A 75 -15.99 -9.76 -0.46
C PRO A 75 -17.14 -8.86 -0.90
N LEU A 76 -16.84 -7.57 -1.06
CA LEU A 76 -17.79 -6.61 -1.57
C LEU A 76 -17.21 -5.91 -2.79
N PRO A 77 -18.04 -5.59 -3.78
CA PRO A 77 -17.57 -4.84 -4.94
C PRO A 77 -17.32 -3.40 -4.54
N LEU A 78 -16.47 -2.74 -5.30
CA LEU A 78 -16.20 -1.33 -5.08
C LEU A 78 -17.32 -0.46 -5.62
N ASP A 79 -17.42 0.76 -5.10
CA ASP A 79 -18.26 1.81 -5.66
C ASP A 79 -19.74 1.40 -5.69
N THR A 80 -20.13 0.58 -4.72
CA THR A 80 -21.46 -0.01 -4.70
C THR A 80 -22.05 0.09 -3.30
N GLU A 81 -23.27 0.61 -3.21
CA GLU A 81 -23.96 0.63 -1.93
C GLU A 81 -24.36 -0.78 -1.54
N CYS A 82 -23.86 -1.25 -0.41
CA CYS A 82 -24.15 -2.56 0.14
C CYS A 82 -24.68 -2.39 1.56
N ILE A 83 -25.50 -3.34 2.00
CA ILE A 83 -26.03 -3.33 3.37
C ILE A 83 -25.35 -4.45 4.14
N VAL A 84 -24.67 -4.09 5.22
CA VAL A 84 -23.97 -5.05 6.08
C VAL A 84 -24.56 -4.89 7.48
N ASN A 85 -25.15 -5.96 8.00
CA ASN A 85 -25.75 -5.96 9.33
C ASN A 85 -26.65 -4.73 9.55
N GLY A 86 -27.43 -4.40 8.53
CA GLY A 86 -28.37 -3.29 8.62
C GLY A 86 -27.78 -1.92 8.47
N VAL A 87 -26.55 -1.79 7.95
CA VAL A 87 -25.90 -0.49 7.78
C VAL A 87 -25.41 -0.39 6.34
N LYS A 88 -25.71 0.71 5.68
CA LYS A 88 -25.23 0.93 4.32
C LYS A 88 -23.76 1.29 4.35
N VAL A 89 -22.97 0.58 3.54
CA VAL A 89 -21.53 0.83 3.42
C VAL A 89 -21.16 0.87 1.94
N VAL A 90 -20.06 1.57 1.64
CA VAL A 90 -19.47 1.56 0.31
C VAL A 90 -17.97 1.39 0.48
N LEU A 91 -17.37 0.57 -0.37
CA LEU A 91 -15.92 0.48 -0.47
C LEU A 91 -15.42 1.30 -1.64
N LEU A 92 -14.33 2.06 -1.42
CA LEU A 92 -13.75 2.90 -2.44
C LEU A 92 -12.27 2.54 -2.57
N ASP A 93 -11.75 2.68 -3.78
CA ASP A 93 -10.33 2.39 -3.96
C ASP A 93 -9.49 3.38 -3.16
N ALA A 94 -8.51 2.86 -2.42
CA ALA A 94 -7.67 3.69 -1.56
C ALA A 94 -6.39 4.14 -2.23
N ASN A 95 -6.12 3.70 -3.46
CA ASN A 95 -4.87 4.03 -4.14
C ASN A 95 -3.65 3.73 -3.25
N HIS A 96 -3.69 2.56 -2.63
CA HIS A 96 -2.61 2.10 -1.76
C HIS A 96 -1.99 0.89 -2.44
N CYS A 97 -2.24 -0.31 -1.95
CA CYS A 97 -1.79 -1.54 -2.59
C CYS A 97 -2.98 -2.25 -3.23
N PRO A 98 -2.75 -3.32 -4.01
CA PRO A 98 -3.88 -4.04 -4.61
C PRO A 98 -4.89 -4.49 -3.58
N GLY A 99 -6.17 -4.28 -3.88
CA GLY A 99 -7.25 -4.64 -2.99
C GLY A 99 -7.52 -3.68 -1.85
N ALA A 100 -6.73 -2.62 -1.68
CA ALA A 100 -6.89 -1.73 -0.55
C ALA A 100 -8.08 -0.81 -0.77
N VAL A 101 -8.89 -0.63 0.28
CA VAL A 101 -10.10 0.18 0.19
C VAL A 101 -10.19 1.17 1.33
N MET A 102 -10.95 2.23 1.07
CA MET A 102 -11.53 3.08 2.08
C MET A 102 -12.97 2.65 2.28
N ILE A 103 -13.52 2.88 3.46
CA ILE A 103 -14.88 2.43 3.77
C ILE A 103 -15.72 3.64 4.17
N LEU A 104 -16.85 3.82 3.48
CA LEU A 104 -17.85 4.81 3.83
C LEU A 104 -18.96 4.11 4.60
N PHE A 105 -19.25 4.60 5.81
CA PHE A 105 -20.33 4.06 6.63
C PHE A 105 -21.44 5.11 6.74
N TYR A 106 -22.67 4.71 6.45
CA TYR A 106 -23.84 5.56 6.61
C TYR A 106 -24.55 5.09 7.88
N LEU A 107 -24.32 5.78 8.98
CA LEU A 107 -24.83 5.32 10.26
C LEU A 107 -26.33 5.55 10.35
N PRO A 108 -27.05 4.73 11.13
CA PRO A 108 -28.50 4.90 11.23
C PRO A 108 -28.94 6.27 11.71
N ASN A 109 -28.14 6.94 12.53
CA ASN A 109 -28.50 8.28 13.03
C ASN A 109 -28.22 9.40 12.04
N GLY A 110 -27.82 9.07 10.80
CA GLY A 110 -27.56 10.08 9.80
C GLY A 110 -26.13 10.52 9.67
N THR A 111 -25.25 10.11 10.59
CA THR A 111 -23.85 10.48 10.46
C THR A 111 -23.18 9.63 9.39
N VAL A 112 -22.21 10.23 8.71
CA VAL A 112 -21.45 9.56 7.66
C VAL A 112 -19.99 9.57 8.06
N ILE A 113 -19.37 8.40 8.03
CA ILE A 113 -18.00 8.20 8.47
C ILE A 113 -17.21 7.67 7.29
N LEU A 114 -16.06 8.27 7.02
CA LEU A 114 -15.14 7.73 6.03
C LEU A 114 -13.90 7.23 6.75
N HIS A 115 -13.58 5.94 6.57
CA HIS A 115 -12.34 5.37 7.07
C HIS A 115 -11.42 5.16 5.88
N THR A 116 -10.27 5.84 5.86
CA THR A 116 -9.42 5.76 4.68
C THR A 116 -8.56 4.50 4.64
N GLY A 117 -8.56 3.68 5.69
CA GLY A 117 -7.55 2.63 5.78
C GLY A 117 -6.19 3.27 5.57
N ASP A 118 -5.30 2.59 4.83
CA ASP A 118 -4.14 3.26 4.27
C ASP A 118 -4.47 3.76 2.88
N PHE A 119 -4.06 4.98 2.56
CA PHE A 119 -4.40 5.54 1.25
C PHE A 119 -3.33 6.51 0.78
N ARG A 120 -3.27 6.68 -0.53
CA ARG A 120 -2.51 7.78 -1.14
C ARG A 120 -3.53 8.69 -1.81
N ALA A 121 -3.84 9.80 -1.15
CA ALA A 121 -4.89 10.68 -1.60
C ALA A 121 -4.61 11.17 -3.01
N ASP A 122 -5.67 11.26 -3.82
CA ASP A 122 -5.53 11.68 -5.19
C ASP A 122 -6.74 12.51 -5.58
N PRO A 123 -6.55 13.52 -6.44
CA PRO A 123 -7.72 14.32 -6.88
C PRO A 123 -8.83 13.50 -7.51
N SER A 124 -8.53 12.34 -8.10
CA SER A 124 -9.57 11.51 -8.69
C SER A 124 -10.60 11.06 -7.65
N MET A 125 -10.20 10.98 -6.38
CA MET A 125 -11.14 10.61 -5.32
C MET A 125 -12.21 11.68 -5.11
N GLU A 126 -11.97 12.91 -5.54
CA GLU A 126 -12.99 13.95 -5.44
C GLU A 126 -14.14 13.76 -6.43
N ARG A 127 -14.08 12.71 -7.25
CA ARG A 127 -15.13 12.40 -8.21
C ARG A 127 -15.66 10.98 -8.03
N SER A 128 -15.51 10.43 -6.85
CA SER A 128 -16.12 9.15 -6.49
C SER A 128 -17.49 9.43 -5.89
N LEU A 129 -18.07 8.43 -5.23
CA LEU A 129 -19.30 8.62 -4.46
C LEU A 129 -19.11 9.59 -3.30
N LEU A 130 -17.86 9.96 -2.98
CA LEU A 130 -17.59 10.91 -1.91
C LEU A 130 -18.11 12.31 -2.23
N ALA A 131 -18.25 12.65 -3.51
CA ALA A 131 -18.67 14.01 -3.84
C ALA A 131 -20.10 14.32 -3.43
N ASP A 132 -20.87 13.29 -3.05
CA ASP A 132 -22.32 13.35 -3.02
C ASP A 132 -22.90 13.80 -1.68
N GLN A 133 -22.18 13.61 -0.58
CA GLN A 133 -22.76 13.94 0.72
C GLN A 133 -21.66 14.32 1.69
N LYS A 134 -22.09 14.91 2.80
CA LYS A 134 -21.20 15.38 3.83
C LYS A 134 -20.63 14.21 4.62
N VAL A 135 -19.41 14.40 5.15
CA VAL A 135 -18.75 13.41 6.00
C VAL A 135 -18.55 14.05 7.37
N HIS A 136 -19.10 13.40 8.39
CA HIS A 136 -19.02 13.96 9.74
C HIS A 136 -17.75 13.53 10.46
N MET A 137 -17.28 12.31 10.23
CA MET A 137 -16.05 11.85 10.85
C MET A 137 -15.15 11.21 9.81
N LEU A 138 -13.87 11.55 9.85
CA LEU A 138 -12.86 10.99 8.96
C LEU A 138 -11.80 10.29 9.79
N TYR A 139 -11.64 8.99 9.56
CA TYR A 139 -10.55 8.21 10.18
C TYR A 139 -9.43 8.21 9.16
N LEU A 140 -8.39 9.00 9.43
CA LEU A 140 -7.42 9.44 8.41
C LEU A 140 -6.07 8.76 8.57
N ASP A 141 -5.58 8.20 7.48
CA ASP A 141 -4.20 7.70 7.41
C ASP A 141 -3.28 8.90 7.44
N THR A 142 -2.70 9.17 8.60
CA THR A 142 -1.83 10.32 8.83
C THR A 142 -0.35 9.95 8.79
N THR A 143 0.02 8.90 8.05
CA THR A 143 1.40 8.42 8.05
C THR A 143 2.39 9.56 7.86
N TYR A 144 2.16 10.41 6.87
CA TYR A 144 3.09 11.47 6.49
C TYR A 144 2.48 12.86 6.70
N CYS A 145 1.81 13.06 7.85
CA CYS A 145 1.12 14.31 8.13
C CYS A 145 2.09 15.33 8.74
N SER A 146 3.07 15.74 7.91
CA SER A 146 3.99 16.81 8.29
C SER A 146 4.61 17.34 7.01
N PRO A 147 4.84 18.65 6.90
CA PRO A 147 5.22 19.23 5.60
C PRO A 147 6.57 18.79 5.08
N GLU A 148 7.44 18.23 5.91
CA GLU A 148 8.71 17.74 5.37
C GLU A 148 8.54 16.50 4.51
N TYR A 149 7.38 15.84 4.60
CA TYR A 149 7.15 14.62 3.83
C TYR A 149 6.72 15.01 2.42
N THR A 150 7.71 15.17 1.56
CA THR A 150 7.53 15.37 0.14
C THR A 150 8.19 14.19 -0.57
N PHE A 151 7.58 13.76 -1.66
CA PHE A 151 8.18 12.76 -2.55
C PHE A 151 7.51 12.89 -3.91
N PRO A 152 8.10 12.33 -4.96
CA PRO A 152 7.52 12.51 -6.30
C PRO A 152 6.27 11.68 -6.47
N SER A 153 5.61 11.91 -7.60
CA SER A 153 4.52 11.03 -8.00
C SER A 153 5.04 9.63 -8.28
N GLN A 154 4.15 8.65 -8.17
CA GLN A 154 4.54 7.28 -8.52
C GLN A 154 4.99 7.20 -9.98
N GLN A 155 4.33 7.93 -10.87
CA GLN A 155 4.68 7.89 -12.28
C GLN A 155 6.09 8.42 -12.51
N GLU A 156 6.46 9.50 -11.82
CA GLU A 156 7.82 10.03 -11.95
C GLU A 156 8.85 9.02 -11.46
N VAL A 157 8.56 8.34 -10.35
CA VAL A 157 9.50 7.35 -9.83
C VAL A 157 9.65 6.18 -10.81
N ILE A 158 8.53 5.73 -11.39
CA ILE A 158 8.58 4.63 -12.37
C ILE A 158 9.33 5.04 -13.63
N ARG A 159 9.10 6.27 -14.11
CA ARG A 159 9.85 6.78 -15.25
C ARG A 159 11.35 6.69 -14.99
N PHE A 160 11.78 7.10 -13.80
CA PHE A 160 13.19 7.02 -13.44
C PHE A 160 13.67 5.58 -13.43
N ALA A 161 12.88 4.69 -12.82
CA ALA A 161 13.29 3.29 -12.72
C ALA A 161 13.40 2.65 -14.10
N ILE A 162 12.42 2.90 -14.98
CA ILE A 162 12.43 2.33 -16.33
C ILE A 162 13.65 2.82 -17.10
N ASN A 163 13.89 4.14 -17.07
CA ASN A 163 15.02 4.70 -17.82
C ASN A 163 16.34 4.15 -17.30
N THR A 164 16.49 4.08 -15.97
CA THR A 164 17.72 3.61 -15.36
C THR A 164 17.99 2.15 -15.73
N ALA A 165 16.96 1.30 -15.64
CA ALA A 165 17.13 -0.11 -15.98
C ALA A 165 17.36 -0.29 -17.48
N PHE A 166 16.57 0.40 -18.30
CA PHE A 166 16.73 0.23 -19.74
C PHE A 166 18.11 0.65 -20.19
N GLU A 167 18.61 1.77 -19.68
CA GLU A 167 19.95 2.21 -20.06
C GLU A 167 21.00 1.19 -19.63
N ALA A 168 20.92 0.71 -18.39
CA ALA A 168 21.94 -0.20 -17.87
C ALA A 168 21.98 -1.51 -18.66
N VAL A 169 20.82 -2.06 -19.00
CA VAL A 169 20.78 -3.33 -19.71
C VAL A 169 21.09 -3.14 -21.20
N THR A 170 20.73 -1.98 -21.77
CA THR A 170 21.12 -1.71 -23.15
C THR A 170 22.63 -1.54 -23.26
N LEU A 171 23.25 -0.89 -22.27
CA LEU A 171 24.71 -0.75 -22.26
C LEU A 171 25.39 -2.07 -21.96
N ASN A 172 24.80 -2.90 -21.10
CA ASN A 172 25.36 -4.20 -20.72
C ASN A 172 24.26 -5.24 -20.76
N PRO A 173 24.11 -5.96 -21.89
CA PRO A 173 23.08 -7.01 -21.97
C PRO A 173 23.25 -8.12 -20.96
N HIS A 174 24.35 -8.17 -20.22
CA HIS A 174 24.56 -9.20 -19.22
C HIS A 174 24.30 -8.71 -17.79
N ALA A 175 23.66 -7.56 -17.65
CA ALA A 175 23.26 -7.08 -16.34
C ALA A 175 21.96 -7.72 -15.90
N LEU A 176 21.84 -7.91 -14.59
CA LEU A 176 20.62 -8.40 -13.97
C LEU A 176 19.97 -7.29 -13.17
N VAL A 177 18.65 -7.18 -13.24
CA VAL A 177 17.90 -6.23 -12.43
C VAL A 177 17.24 -6.97 -11.28
N VAL A 178 17.41 -6.45 -10.07
CA VAL A 178 16.81 -7.05 -8.87
C VAL A 178 15.94 -6.00 -8.18
N CYS A 179 14.71 -6.38 -7.82
N CYS A 179 14.71 -6.38 -7.82
CA CYS A 179 13.81 -5.52 -7.08
CA CYS A 179 13.81 -5.51 -7.08
C CYS A 179 13.48 -6.18 -5.76
C CYS A 179 13.46 -6.18 -5.76
N GLY A 180 13.55 -5.40 -4.68
CA GLY A 180 13.20 -5.91 -3.37
C GLY A 180 11.73 -5.72 -3.05
N THR A 181 11.18 -6.68 -2.31
CA THR A 181 9.77 -6.66 -1.92
C THR A 181 9.61 -7.34 -0.58
N TYR A 182 8.62 -6.89 0.20
CA TYR A 182 8.29 -7.58 1.44
C TYR A 182 6.79 -7.78 1.68
N SER A 183 5.93 -7.17 0.87
CA SER A 183 4.48 -7.30 1.00
C SER A 183 3.90 -7.00 -0.37
N ILE A 184 2.57 -7.08 -0.47
CA ILE A 184 1.96 -6.59 -1.69
C ILE A 184 2.06 -5.07 -1.74
N GLY A 185 1.83 -4.54 -2.92
CA GLY A 185 2.04 -3.13 -3.17
C GLY A 185 3.32 -2.89 -3.96
N LYS A 186 3.36 -1.78 -4.69
CA LYS A 186 4.53 -1.33 -5.42
C LYS A 186 4.93 -2.27 -6.56
N GLU A 187 3.97 -3.10 -7.01
CA GLU A 187 4.24 -4.04 -8.09
C GLU A 187 4.67 -3.35 -9.37
N LYS A 188 4.21 -2.11 -9.57
CA LYS A 188 4.53 -1.38 -10.80
C LYS A 188 6.03 -1.23 -10.98
N VAL A 189 6.80 -1.17 -9.89
CA VAL A 189 8.24 -1.03 -10.02
C VAL A 189 8.81 -2.18 -10.84
N PHE A 190 8.54 -3.41 -10.44
CA PHE A 190 9.13 -4.52 -11.17
C PHE A 190 8.39 -4.82 -12.46
N LEU A 191 7.07 -4.61 -12.50
CA LEU A 191 6.33 -4.87 -13.73
C LEU A 191 6.74 -3.90 -14.84
N ALA A 192 6.91 -2.61 -14.51
CA ALA A 192 7.26 -1.64 -15.53
C ALA A 192 8.68 -1.87 -16.04
N ILE A 193 9.61 -2.23 -15.15
CA ILE A 193 10.97 -2.53 -15.58
C ILE A 193 10.99 -3.76 -16.48
N ALA A 194 10.28 -4.83 -16.07
CA ALA A 194 10.28 -6.04 -16.88
C ALA A 194 9.68 -5.78 -18.25
N ASP A 195 8.63 -4.94 -18.30
CA ASP A 195 7.98 -4.65 -19.57
C ASP A 195 8.92 -3.93 -20.53
N VAL A 196 9.70 -2.98 -20.04
CA VAL A 196 10.60 -2.26 -20.95
C VAL A 196 11.75 -3.14 -21.41
N LEU A 197 12.13 -4.15 -20.63
CA LEU A 197 13.21 -5.05 -20.97
C LEU A 197 12.72 -6.30 -21.71
N GLY A 198 11.42 -6.44 -21.91
CA GLY A 198 10.90 -7.59 -22.62
C GLY A 198 11.13 -8.90 -21.90
N SER A 199 11.11 -8.88 -20.58
CA SER A 199 11.39 -10.04 -19.75
C SER A 199 10.22 -10.29 -18.81
N LYS A 200 10.13 -11.53 -18.34
CA LYS A 200 9.23 -11.80 -17.22
C LYS A 200 9.97 -11.49 -15.91
N VAL A 201 9.20 -11.43 -14.82
CA VAL A 201 9.76 -11.21 -13.49
C VAL A 201 9.86 -12.57 -12.81
N GLY A 202 11.07 -12.95 -12.42
CA GLY A 202 11.29 -14.20 -11.71
C GLY A 202 11.25 -14.02 -10.20
N MET A 203 10.64 -14.99 -9.52
CA MET A 203 10.43 -14.86 -8.08
C MET A 203 10.25 -16.24 -7.47
N SER A 204 10.24 -16.27 -6.15
CA SER A 204 10.02 -17.49 -5.39
C SER A 204 8.59 -17.98 -5.58
N GLN A 205 8.38 -19.25 -5.22
CA GLN A 205 7.03 -19.80 -5.29
C GLN A 205 6.06 -19.04 -4.38
N GLU A 206 6.53 -18.65 -3.19
CA GLU A 206 5.65 -17.94 -2.26
C GLU A 206 5.21 -16.59 -2.83
N LYS A 207 6.14 -15.83 -3.42
CA LYS A 207 5.77 -14.54 -3.99
C LYS A 207 4.89 -14.71 -5.23
N TYR A 208 5.20 -15.69 -6.06
CA TYR A 208 4.35 -15.99 -7.22
C TYR A 208 2.92 -16.28 -6.78
N LYS A 209 2.76 -17.11 -5.75
CA LYS A 209 1.44 -17.41 -5.22
C LYS A 209 0.70 -16.14 -4.81
N THR A 210 1.40 -15.23 -4.14
CA THR A 210 0.78 -13.98 -3.70
C THR A 210 0.29 -13.15 -4.89
N LEU A 211 1.14 -12.98 -5.91
CA LEU A 211 0.74 -12.20 -7.06
C LEU A 211 -0.42 -12.84 -7.82
N GLN A 212 -0.52 -14.17 -7.79
CA GLN A 212 -1.64 -14.84 -8.47
C GLN A 212 -3.00 -14.49 -7.87
N CYS A 213 -3.03 -13.89 -6.68
CA CYS A 213 -4.27 -13.53 -6.00
C CYS A 213 -4.74 -12.09 -6.28
N LEU A 214 -4.05 -11.34 -7.14
CA LEU A 214 -4.20 -9.90 -7.20
C LEU A 214 -5.07 -9.40 -8.36
N ASN A 215 -5.67 -10.29 -9.15
CA ASN A 215 -6.51 -9.90 -10.28
C ASN A 215 -5.77 -8.98 -11.25
N ILE A 216 -4.46 -9.18 -11.40
CA ILE A 216 -3.68 -8.36 -12.33
C ILE A 216 -3.86 -8.92 -13.73
N PRO A 217 -4.37 -8.13 -14.67
CA PRO A 217 -4.63 -8.66 -16.03
C PRO A 217 -3.36 -9.21 -16.67
N GLU A 218 -3.51 -10.36 -17.31
CA GLU A 218 -2.43 -11.00 -18.08
C GLU A 218 -1.21 -11.29 -17.22
N ILE A 219 -1.44 -11.66 -15.96
CA ILE A 219 -0.34 -11.83 -15.02
C ILE A 219 0.53 -13.04 -15.38
N ASN A 220 -0.07 -14.10 -15.92
CA ASN A 220 0.72 -15.28 -16.28
C ASN A 220 1.71 -14.97 -17.39
N SER A 221 1.51 -13.89 -18.14
CA SER A 221 2.46 -13.44 -19.15
C SER A 221 3.57 -12.59 -18.58
N LEU A 222 3.48 -12.20 -17.31
CA LEU A 222 4.42 -11.24 -16.74
C LEU A 222 5.34 -11.82 -15.67
N ILE A 223 4.92 -12.87 -14.95
CA ILE A 223 5.65 -13.39 -13.80
C ILE A 223 5.96 -14.86 -14.02
N THR A 224 6.97 -15.34 -13.31
CA THR A 224 7.42 -16.72 -13.44
C THR A 224 8.22 -17.12 -12.21
N THR A 225 8.24 -18.43 -11.94
CA THR A 225 9.16 -18.98 -10.95
C THR A 225 10.47 -19.45 -11.59
N ASP A 226 10.56 -19.44 -12.92
CA ASP A 226 11.75 -19.83 -13.66
C ASP A 226 12.72 -18.65 -13.63
N MET A 227 13.61 -18.66 -12.64
CA MET A 227 14.52 -17.53 -12.42
C MET A 227 15.44 -17.31 -13.60
N CYS A 228 16.03 -18.38 -14.13
CA CYS A 228 17.09 -18.23 -15.11
C CYS A 228 16.58 -17.74 -16.46
N SER A 229 15.29 -17.88 -16.74
CA SER A 229 14.70 -17.35 -17.96
C SER A 229 14.33 -15.88 -17.84
N SER A 230 14.65 -15.24 -16.72
CA SER A 230 14.21 -13.88 -16.43
C SER A 230 15.42 -13.03 -16.07
N LEU A 231 15.42 -11.77 -16.54
CA LEU A 231 16.47 -10.84 -16.16
C LEU A 231 15.99 -9.74 -15.23
N VAL A 232 14.78 -9.88 -14.67
CA VAL A 232 14.33 -9.09 -13.54
C VAL A 232 13.92 -10.08 -12.45
N HIS A 233 14.60 -10.02 -11.30
CA HIS A 233 14.37 -10.94 -10.21
C HIS A 233 13.83 -10.18 -9.00
N LEU A 234 12.86 -10.79 -8.31
CA LEU A 234 12.37 -10.28 -7.04
C LEU A 234 13.07 -10.99 -5.89
N LEU A 235 13.49 -10.23 -4.90
CA LEU A 235 14.07 -10.81 -3.71
C LEU A 235 13.46 -10.18 -2.48
N PRO A 236 13.45 -10.88 -1.35
CA PRO A 236 13.03 -10.25 -0.10
C PRO A 236 13.85 -8.99 0.13
N MET A 237 13.17 -7.94 0.63
CA MET A 237 13.80 -6.63 0.78
C MET A 237 15.07 -6.71 1.60
N MET A 238 15.11 -7.60 2.60
CA MET A 238 16.29 -7.68 3.47
C MET A 238 17.50 -8.27 2.77
N GLN A 239 17.35 -8.81 1.56
CA GLN A 239 18.50 -9.27 0.79
C GLN A 239 19.02 -8.21 -0.18
N ILE A 240 18.39 -7.04 -0.23
CA ILE A 240 18.87 -5.99 -1.13
C ILE A 240 19.98 -5.20 -0.46
N ASN A 241 21.15 -5.82 -0.38
CA ASN A 241 22.36 -5.21 0.14
C ASN A 241 23.51 -5.90 -0.58
N PHE A 242 24.71 -5.33 -0.46
CA PHE A 242 25.85 -5.84 -1.23
C PHE A 242 26.11 -7.31 -0.92
N LYS A 243 26.03 -7.70 0.35
CA LYS A 243 26.28 -9.09 0.73
C LYS A 243 25.20 -9.99 0.12
N GLY A 244 23.94 -9.62 0.28
CA GLY A 244 22.86 -10.45 -0.25
C GLY A 244 22.83 -10.48 -1.77
N LEU A 245 23.19 -9.38 -2.41
CA LEU A 245 23.20 -9.36 -3.87
C LEU A 245 24.41 -10.09 -4.45
N GLN A 246 25.57 -9.97 -3.78
CA GLN A 246 26.71 -10.80 -4.19
C GLN A 246 26.37 -12.27 -4.14
N SER A 247 25.68 -12.70 -3.07
CA SER A 247 25.30 -14.11 -2.96
C SER A 247 24.35 -14.51 -4.06
N HIS A 248 23.39 -13.64 -4.41
CA HIS A 248 22.45 -13.95 -5.48
C HIS A 248 23.15 -14.07 -6.82
N LEU A 249 24.17 -13.23 -7.05
CA LEU A 249 24.86 -13.28 -8.34
C LEU A 249 25.59 -14.60 -8.54
N LYS A 250 26.08 -15.21 -7.46
CA LYS A 250 26.73 -16.51 -7.58
C LYS A 250 25.75 -17.59 -8.02
N LYS A 251 24.52 -17.54 -7.49
CA LYS A 251 23.55 -18.58 -7.78
C LYS A 251 23.11 -18.60 -9.25
N CYS A 252 23.37 -17.53 -10.00
CA CYS A 252 22.92 -17.46 -11.39
C CYS A 252 23.81 -18.26 -12.34
N GLY A 253 24.96 -18.73 -11.89
CA GLY A 253 25.81 -19.59 -12.70
C GLY A 253 26.46 -18.92 -13.88
N GLY A 254 27.24 -17.86 -13.63
CA GLY A 254 27.97 -17.21 -14.69
C GLY A 254 27.13 -16.66 -15.81
N LYS A 255 25.87 -16.30 -15.52
CA LYS A 255 25.00 -15.77 -16.54
C LYS A 255 24.98 -14.24 -16.56
N TYR A 256 25.25 -13.61 -15.42
CA TYR A 256 25.24 -12.15 -15.31
C TYR A 256 26.54 -11.68 -14.67
N ASN A 257 26.96 -10.47 -15.06
CA ASN A 257 28.18 -9.88 -14.50
C ASN A 257 27.95 -8.53 -13.84
N GLN A 258 26.69 -8.12 -13.67
CA GLN A 258 26.36 -6.84 -13.05
C GLN A 258 24.97 -6.96 -12.47
N ILE A 259 24.75 -6.32 -11.32
CA ILE A 259 23.42 -6.21 -10.72
C ILE A 259 23.09 -4.74 -10.55
N LEU A 260 21.91 -4.37 -11.05
CA LEU A 260 21.28 -3.11 -10.73
C LEU A 260 20.07 -3.44 -9.88
N ALA A 261 20.02 -2.90 -8.67
CA ALA A 261 18.97 -3.26 -7.73
C ALA A 261 18.19 -2.03 -7.30
N PHE A 262 16.89 -2.23 -7.06
CA PHE A 262 16.00 -1.16 -6.63
C PHE A 262 15.40 -1.50 -5.29
N ARG A 263 15.52 -0.58 -4.34
N ARG A 263 15.52 -0.57 -4.33
CA ARG A 263 14.88 -0.71 -3.03
CA ARG A 263 14.89 -0.66 -3.03
C ARG A 263 13.79 0.34 -2.96
C ARG A 263 13.78 0.39 -3.01
N PRO A 264 12.54 0.01 -3.29
CA PRO A 264 11.46 1.00 -3.19
C PRO A 264 11.09 1.25 -1.74
N THR A 265 11.53 2.38 -1.21
CA THR A 265 11.29 2.74 0.17
C THR A 265 10.06 3.63 0.25
N GLY A 266 9.78 4.15 1.45
CA GLY A 266 8.80 5.20 1.59
C GLY A 266 9.47 6.54 1.45
N TRP A 267 9.16 7.47 2.34
CA TRP A 267 9.85 8.75 2.36
C TRP A 267 11.20 8.60 3.03
N THR A 268 12.19 9.32 2.49
CA THR A 268 13.50 9.44 3.11
C THR A 268 13.94 10.89 3.08
N HIS A 269 14.49 11.36 4.22
CA HIS A 269 14.97 12.73 4.37
C HIS A 269 15.85 13.17 3.21
N SER A 270 16.53 12.23 2.56
CA SER A 270 17.34 12.56 1.38
C SER A 270 16.49 13.14 0.26
N ASN A 271 15.20 12.80 0.22
CA ASN A 271 14.34 13.22 -0.88
C ASN A 271 14.07 14.72 -0.89
N LYS A 272 14.26 15.40 0.24
CA LYS A 272 14.13 16.86 0.25
C LYS A 272 15.25 17.50 -0.56
N PHE A 273 16.49 17.07 -0.34
CA PHE A 273 17.62 17.61 -1.08
C PHE A 273 17.55 17.21 -2.55
N THR A 274 17.43 15.91 -2.79
CA THR A 274 17.70 15.32 -4.11
C THR A 274 16.39 15.00 -4.81
N ARG A 275 16.14 15.67 -5.94
CA ARG A 275 15.00 15.34 -6.77
C ARG A 275 15.21 13.99 -7.45
N ILE A 276 14.11 13.41 -7.93
CA ILE A 276 14.15 12.02 -8.44
C ILE A 276 15.15 11.87 -9.58
N ALA A 277 15.34 12.91 -10.40
CA ALA A 277 16.28 12.82 -11.50
C ALA A 277 17.72 12.80 -11.02
N ASP A 278 17.99 13.35 -9.84
CA ASP A 278 19.34 13.43 -9.30
C ASP A 278 19.68 12.27 -8.36
N VAL A 279 18.82 11.26 -8.28
CA VAL A 279 19.08 10.12 -7.40
C VAL A 279 20.27 9.33 -7.93
N ILE A 280 21.21 8.99 -7.05
CA ILE A 280 22.39 8.22 -7.42
C ILE A 280 22.47 6.97 -6.55
N PRO A 281 23.01 5.86 -7.05
CA PRO A 281 23.02 4.61 -6.29
C PRO A 281 24.22 4.54 -5.35
N GLN A 282 24.14 3.58 -4.44
CA GLN A 282 25.32 3.12 -3.72
C GLN A 282 25.90 1.94 -4.49
N THR A 283 27.19 2.02 -4.81
CA THR A 283 27.84 1.07 -5.69
C THR A 283 29.02 0.43 -4.98
N LYS A 284 29.13 -0.89 -5.11
CA LYS A 284 30.29 -1.65 -4.62
C LYS A 284 30.65 -2.65 -5.70
N GLY A 285 31.64 -2.31 -6.51
CA GLY A 285 32.03 -3.19 -7.60
C GLY A 285 30.99 -3.16 -8.69
N ASN A 286 30.54 -4.35 -9.11
CA ASN A 286 29.55 -4.51 -10.16
C ASN A 286 28.11 -4.54 -9.62
N ILE A 287 27.88 -4.04 -8.42
CA ILE A 287 26.56 -4.02 -7.80
C ILE A 287 26.21 -2.58 -7.44
N SER A 288 25.06 -2.11 -7.93
CA SER A 288 24.55 -0.79 -7.62
C SER A 288 23.14 -0.92 -7.05
N ILE A 289 22.84 -0.12 -6.02
CA ILE A 289 21.57 -0.19 -5.30
C ILE A 289 20.94 1.19 -5.32
N TYR A 290 19.75 1.30 -5.90
CA TYR A 290 19.00 2.54 -5.98
C TYR A 290 17.87 2.50 -4.97
N GLY A 291 17.91 3.40 -3.99
CA GLY A 291 16.76 3.59 -3.15
C GLY A 291 15.81 4.56 -3.83
N ILE A 292 14.59 4.15 -4.10
CA ILE A 292 13.66 5.03 -4.82
C ILE A 292 12.43 5.32 -3.96
N PRO A 293 12.00 6.57 -3.89
CA PRO A 293 10.91 6.95 -2.97
C PRO A 293 9.53 6.70 -3.58
N TYR A 294 9.20 5.42 -3.77
CA TYR A 294 7.90 5.02 -4.27
C TYR A 294 6.95 4.86 -3.09
N SER A 295 6.03 5.81 -2.92
CA SER A 295 5.14 5.81 -1.77
C SER A 295 3.73 5.40 -2.16
N GLU A 296 3.13 4.55 -1.34
CA GLU A 296 1.70 4.27 -1.42
C GLU A 296 0.90 4.93 -0.30
N HIS A 297 1.49 5.95 0.34
CA HIS A 297 0.78 6.80 1.29
C HIS A 297 0.80 8.23 0.79
N SER A 298 -0.20 9.01 1.19
CA SER A 298 -0.27 10.42 0.82
C SER A 298 0.98 11.17 1.26
N SER A 299 1.47 12.03 0.39
CA SER A 299 2.35 13.10 0.84
C SER A 299 1.55 14.06 1.71
N TYR A 300 2.27 14.93 2.43
CA TYR A 300 1.59 15.99 3.17
C TYR A 300 0.64 16.79 2.28
N LEU A 301 1.14 17.24 1.11
CA LEU A 301 0.34 18.09 0.25
C LEU A 301 -0.89 17.35 -0.28
N GLU A 302 -0.74 16.07 -0.63
CA GLU A 302 -1.87 15.29 -1.12
C GLU A 302 -2.92 15.11 -0.03
N MET A 303 -2.46 14.81 1.19
CA MET A 303 -3.37 14.63 2.32
C MET A 303 -4.12 15.92 2.63
N LYS A 304 -3.40 17.05 2.64
CA LYS A 304 -4.03 18.34 2.92
C LYS A 304 -5.08 18.67 1.88
N ARG A 305 -4.78 18.46 0.59
CA ARG A 305 -5.76 18.75 -0.45
C ARG A 305 -7.01 17.91 -0.29
N PHE A 306 -6.85 16.60 -0.02
CA PHE A 306 -8.01 15.73 0.13
C PHE A 306 -8.89 16.16 1.30
N VAL A 307 -8.27 16.47 2.44
CA VAL A 307 -9.03 16.83 3.63
C VAL A 307 -9.72 18.17 3.45
N GLN A 308 -9.02 19.15 2.85
CA GLN A 308 -9.64 20.45 2.62
C GLN A 308 -10.78 20.37 1.61
N TRP A 309 -10.73 19.41 0.70
CA TRP A 309 -11.85 19.20 -0.21
C TRP A 309 -13.02 18.52 0.50
N LEU A 310 -12.72 17.52 1.32
CA LEU A 310 -13.76 16.73 1.97
C LEU A 310 -14.48 17.51 3.05
N LYS A 311 -13.77 18.42 3.72
CA LYS A 311 -14.31 19.23 4.81
C LYS A 311 -15.03 18.42 5.90
N PRO A 312 -14.34 17.45 6.51
CA PRO A 312 -14.97 16.66 7.56
C PRO A 312 -15.18 17.49 8.81
N GLN A 313 -16.20 17.14 9.58
CA GLN A 313 -16.45 17.86 10.83
C GLN A 313 -15.44 17.48 11.91
N LYS A 314 -14.98 16.23 11.92
CA LYS A 314 -14.00 15.77 12.89
C LYS A 314 -13.06 14.79 12.21
N ILE A 315 -11.79 14.82 12.61
CA ILE A 315 -10.76 13.93 12.08
C ILE A 315 -10.20 13.11 13.23
N ILE A 316 -10.13 11.80 13.03
CA ILE A 316 -9.50 10.88 13.97
C ILE A 316 -8.31 10.26 13.26
N PRO A 317 -7.08 10.67 13.59
CA PRO A 317 -5.92 10.02 12.96
C PRO A 317 -5.79 8.58 13.38
N THR A 318 -5.28 7.77 12.45
CA THR A 318 -5.04 6.35 12.72
C THR A 318 -3.56 5.99 12.70
N VAL A 319 -2.67 6.94 12.44
CA VAL A 319 -1.23 6.70 12.40
C VAL A 319 -0.53 7.81 13.16
N ASN A 320 0.59 7.48 13.80
CA ASN A 320 1.39 8.45 14.56
C ASN A 320 0.64 8.97 15.78
N VAL A 321 -0.16 8.10 16.41
CA VAL A 321 -1.01 8.53 17.51
C VAL A 321 -0.39 8.26 18.87
N GLY A 322 0.90 7.90 18.92
CA GLY A 322 1.50 7.40 20.12
C GLY A 322 2.09 8.38 21.12
N THR A 323 2.38 9.63 20.71
CA THR A 323 3.01 10.59 21.61
C THR A 323 2.20 11.87 21.68
N TRP A 324 2.35 12.59 22.80
CA TRP A 324 1.68 13.88 22.91
C TRP A 324 2.11 14.80 21.79
N LYS A 325 3.39 14.80 21.46
CA LYS A 325 3.91 15.67 20.40
C LYS A 325 3.29 15.32 19.05
N SER A 326 3.27 14.03 18.70
CA SER A 326 2.73 13.65 17.39
C SER A 326 1.25 13.96 17.30
N ARG A 327 0.50 13.72 18.38
CA ARG A 327 -0.94 14.01 18.33
C ARG A 327 -1.19 15.51 18.28
N SER A 328 -0.42 16.30 19.04
CA SER A 328 -0.56 17.75 19.03
C SER A 328 -0.23 18.34 17.66
N THR A 329 0.86 17.88 17.06
CA THR A 329 1.28 18.43 15.78
C THR A 329 0.21 18.21 14.71
N MET A 330 -0.38 17.02 14.69
CA MET A 330 -1.39 16.71 13.70
C MET A 330 -2.64 17.57 13.90
N GLU A 331 -3.07 17.74 15.15
CA GLU A 331 -4.23 18.60 15.41
C GLU A 331 -3.96 20.04 14.97
N LYS A 332 -2.72 20.53 15.17
CA LYS A 332 -2.41 21.88 14.71
C LYS A 332 -2.55 22.01 13.20
N TYR A 333 -2.11 20.99 12.45
CA TYR A 333 -2.29 21.05 11.00
C TYR A 333 -3.75 20.98 10.60
N PHE A 334 -4.53 20.10 11.25
CA PHE A 334 -5.95 20.03 10.94
C PHE A 334 -6.61 21.39 11.15
N ARG A 335 -6.22 22.07 12.23
CA ARG A 335 -6.75 23.40 12.53
C ARG A 335 -6.36 24.40 11.45
N GLU A 336 -5.09 24.40 11.04
N GLU A 336 -5.10 24.37 11.03
CA GLU A 336 -4.67 25.27 9.95
CA GLU A 336 -4.64 25.26 9.97
C GLU A 336 -5.50 25.01 8.70
C GLU A 336 -5.40 25.01 8.66
N TRP A 337 -5.62 23.73 8.31
CA TRP A 337 -6.32 23.40 7.08
C TRP A 337 -7.77 23.88 7.13
N LYS A 338 -8.40 23.72 8.29
CA LYS A 338 -9.79 24.14 8.46
C LYS A 338 -9.92 25.64 8.35
N LEU A 339 -9.04 26.39 9.01
CA LEU A 339 -9.11 27.85 8.96
C LEU A 339 -8.84 28.36 7.54
N GLU A 340 -7.89 27.75 6.83
CA GLU A 340 -7.55 28.21 5.49
C GLU A 340 -8.69 27.95 4.51
N ALA A 341 -9.39 26.82 4.65
CA ALA A 341 -10.43 26.45 3.70
C ALA A 341 -11.82 26.90 4.12
N GLY A 342 -12.04 27.22 5.39
CA GLY A 342 -13.29 27.82 5.82
C GLY A 342 -14.35 26.88 6.32
N TYR A 343 -14.03 25.62 6.61
CA TYR A 343 -15.03 24.69 7.11
C TYR A 343 -15.00 24.55 8.63
#